data_1IQK
#
_entry.id   1IQK
#
_cell.length_a   71.960
_cell.length_b   78.920
_cell.length_c   56.140
_cell.angle_alpha   90.00
_cell.angle_beta   90.00
_cell.angle_gamma   90.00
#
_symmetry.space_group_name_H-M   'P 21 21 21'
#
loop_
_entity.id
_entity.type
_entity.pdbx_description
1 polymer 'coagulation Factor Xa'
2 polymer 'coagulation Factor Xa'
3 non-polymer 'CALCIUM ION'
4 non-polymer 4-[(6-CHLORO-2-NAPHTHALENYL)SULFONYL]-1-[[1-(4-PYRIDINYL)-4-PIPERIDINYL]METHYL]PIPERAZINONE
#
loop_
_entity_poly.entity_id
_entity_poly.type
_entity_poly.pdbx_seq_one_letter_code
_entity_poly.pdbx_strand_id
1 'polypeptide(L)'
;IVGGQECKDGECPWQALLINEENEGFCGGTILSEFYILTAAHCLYQAKRFKVRVGDRNTEQEEGGEAVHEVEVVIKHNRF
TKETYDFDIAVLRLKTPITFRMNVAPACLPERDWAESTLMTQKTGIVSGFGRTHEKGRQSTRLKMLEVPYVDRNSCKLSS
SFIITQNMFCAGYDTKQEDACQGDSGGPHVTRFKDTYFVTGIVSWGEGCARKGKYGIYTKVTAFLKWIDRSMKTR
;
A
2 'polypeptide(L)'
;YKDGDQCETSPCQNQGKCKDGLGEYTCTCLEGFEGKNCELFTRKLCSLDNGDCDQFCHEEQNSVVCSCARGYTLADNGKA
CIPTGPYPCGKQTLER
;
L
#
loop_
_chem_comp.id
_chem_comp.type
_chem_comp.name
_chem_comp.formula
CA non-polymer 'CALCIUM ION' 'Ca 2'
XMI non-polymer 4-[(6-CHLORO-2-NAPHTHALENYL)SULFONYL]-1-[[1-(4-PYRIDINYL)-4-PIPERIDINYL]METHYL]PIPERAZINONE 'C25 H27 Cl N4 O3 S'
#
# COMPACT_ATOMS: atom_id res chain seq x y z
N ILE A 1 -6.19 -2.16 12.99
CA ILE A 1 -4.76 -1.86 13.26
C ILE A 1 -4.44 -1.95 14.76
N VAL A 2 -3.73 -2.99 15.17
CA VAL A 2 -3.38 -3.12 16.58
C VAL A 2 -2.27 -2.11 16.85
N GLY A 3 -2.42 -1.33 17.91
CA GLY A 3 -1.44 -0.31 18.24
C GLY A 3 -1.42 0.76 17.17
N GLY A 4 -0.23 1.27 16.86
CA GLY A 4 -0.09 2.29 15.83
C GLY A 4 -0.62 3.65 16.20
N GLN A 5 -0.60 4.57 15.25
CA GLN A 5 -1.08 5.92 15.49
C GLN A 5 -2.43 6.16 14.82
N GLU A 6 -2.74 7.42 14.58
CA GLU A 6 -3.99 7.81 13.94
C GLU A 6 -3.64 8.74 12.78
N CYS A 7 -4.20 8.50 11.60
CA CYS A 7 -3.91 9.36 10.44
C CYS A 7 -4.57 10.73 10.62
N LYS A 8 -3.80 11.79 10.44
CA LYS A 8 -4.32 13.15 10.56
C LYS A 8 -4.66 13.68 9.17
N ASP A 9 -5.33 14.84 9.11
CA ASP A 9 -5.69 15.40 7.82
C ASP A 9 -4.54 15.25 6.85
N GLY A 10 -4.84 14.72 5.67
CA GLY A 10 -3.84 14.55 4.63
C GLY A 10 -2.71 13.57 4.84
N GLU A 11 -2.59 12.97 6.03
CA GLU A 11 -1.51 12.03 6.28
C GLU A 11 -1.58 10.75 5.47
N CYS A 12 -2.77 10.17 5.32
CA CYS A 12 -2.90 8.93 4.58
C CYS A 12 -3.90 9.04 3.42
N PRO A 13 -3.67 9.98 2.49
CA PRO A 13 -4.54 10.21 1.33
C PRO A 13 -4.65 9.13 0.28
N TRP A 14 -3.81 8.10 0.37
CA TRP A 14 -3.86 7.02 -0.61
C TRP A 14 -4.67 5.83 -0.12
N GLN A 15 -5.19 5.93 1.09
CA GLN A 15 -5.99 4.85 1.64
C GLN A 15 -7.26 4.79 0.81
N ALA A 16 -7.97 3.67 0.88
CA ALA A 16 -9.22 3.48 0.15
C ALA A 16 -9.91 2.34 0.87
N LEU A 17 -11.23 2.39 0.99
CA LEU A 17 -11.99 1.37 1.70
C LEU A 17 -12.98 0.66 0.79
N LEU A 18 -13.10 -0.66 0.98
CA LEU A 18 -14.02 -1.50 0.19
C LEU A 18 -15.24 -1.77 1.07
N ILE A 19 -16.36 -1.12 0.76
CA ILE A 19 -17.56 -1.30 1.54
C ILE A 19 -18.59 -2.19 0.85
N ASN A 20 -19.32 -2.97 1.65
CA ASN A 20 -20.34 -3.86 1.15
C ASN A 20 -21.69 -3.14 1.03
N GLU A 21 -22.73 -3.89 0.69
CA GLU A 21 -24.08 -3.34 0.55
C GLU A 21 -24.60 -2.81 1.88
N GLU A 22 -24.19 -3.43 2.98
CA GLU A 22 -24.60 -2.96 4.31
C GLU A 22 -23.80 -1.71 4.63
N ASN A 23 -23.03 -1.25 3.65
CA ASN A 23 -22.20 -0.05 3.78
C ASN A 23 -21.15 -0.13 4.89
N GLU A 24 -20.75 -1.34 5.24
CA GLU A 24 -19.73 -1.55 6.28
C GLU A 24 -18.42 -1.71 5.50
N GLY A 25 -17.32 -1.28 6.08
CA GLY A 25 -16.05 -1.45 5.39
C GLY A 25 -15.55 -2.86 5.67
N PHE A 26 -15.23 -3.62 4.64
CA PHE A 26 -14.75 -4.97 4.87
C PHE A 26 -13.27 -5.12 4.56
N CYS A 27 -12.73 -4.28 3.70
CA CYS A 27 -11.33 -4.34 3.35
C CYS A 27 -10.73 -2.97 3.04
N GLY A 28 -9.44 -2.96 2.72
CA GLY A 28 -8.74 -1.72 2.41
C GLY A 28 -8.20 -1.71 1.00
N GLY A 29 -7.51 -0.65 0.63
CA GLY A 29 -6.96 -0.57 -0.72
C GLY A 29 -6.12 0.68 -0.88
N THR A 30 -5.32 0.73 -1.93
CA THR A 30 -4.46 1.87 -2.20
C THR A 30 -4.87 2.52 -3.51
N ILE A 31 -4.78 3.84 -3.56
CA ILE A 31 -5.11 4.59 -4.77
C ILE A 31 -3.85 4.72 -5.63
N LEU A 32 -3.91 4.19 -6.86
CA LEU A 32 -2.77 4.27 -7.77
C LEU A 32 -2.90 5.49 -8.68
N SER A 33 -4.08 5.63 -9.26
CA SER A 33 -4.38 6.75 -10.15
C SER A 33 -5.85 7.14 -10.00
N GLU A 34 -6.29 8.14 -10.76
CA GLU A 34 -7.68 8.57 -10.69
C GLU A 34 -8.65 7.41 -10.94
N PHE A 35 -8.21 6.41 -11.70
CA PHE A 35 -9.05 5.27 -12.04
C PHE A 35 -8.80 3.90 -11.42
N TYR A 36 -7.63 3.68 -10.83
CA TYR A 36 -7.30 2.38 -10.25
C TYR A 36 -6.99 2.32 -8.76
N ILE A 37 -7.60 1.33 -8.09
CA ILE A 37 -7.37 1.11 -6.67
C ILE A 37 -6.71 -0.26 -6.56
N LEU A 38 -5.66 -0.37 -5.76
CA LEU A 38 -4.95 -1.65 -5.57
C LEU A 38 -5.59 -2.38 -4.40
N THR A 39 -5.43 -3.69 -4.32
CA THR A 39 -6.04 -4.42 -3.20
C THR A 39 -5.67 -5.90 -3.11
N ALA A 40 -5.92 -6.48 -1.94
CA ALA A 40 -5.63 -7.89 -1.72
C ALA A 40 -6.71 -8.70 -2.44
N ALA A 41 -6.29 -9.69 -3.19
CA ALA A 41 -7.19 -10.54 -3.96
C ALA A 41 -8.23 -11.30 -3.14
N HIS A 42 -7.83 -11.87 -2.01
CA HIS A 42 -8.78 -12.61 -1.20
C HIS A 42 -9.92 -11.76 -0.65
N CYS A 43 -9.79 -10.44 -0.75
CA CYS A 43 -10.80 -9.51 -0.23
C CYS A 43 -12.08 -9.54 -1.06
N LEU A 44 -11.97 -10.14 -2.24
CA LEU A 44 -13.09 -10.27 -3.17
C LEU A 44 -13.81 -11.60 -2.88
N TYR A 45 -14.26 -11.76 -1.64
CA TYR A 45 -14.95 -12.97 -1.22
C TYR A 45 -15.92 -12.71 -0.05
N GLN A 46 -15.69 -11.63 0.70
CA GLN A 46 -16.54 -11.28 1.84
C GLN A 46 -17.58 -10.20 1.52
N ALA A 47 -18.30 -10.36 0.40
CA ALA A 47 -19.33 -9.42 -0.02
C ALA A 47 -19.65 -9.55 -1.50
N LYS A 48 -20.88 -9.96 -1.81
CA LYS A 48 -21.32 -10.12 -3.20
C LYS A 48 -21.01 -8.86 -4.02
N ARG A 49 -21.74 -7.78 -3.75
CA ARG A 49 -21.55 -6.51 -4.45
C ARG A 49 -20.91 -5.50 -3.50
N PHE A 50 -20.00 -4.68 -4.03
CA PHE A 50 -19.32 -3.67 -3.21
C PHE A 50 -18.86 -2.44 -3.99
N LYS A 51 -18.39 -1.44 -3.24
CA LYS A 51 -17.93 -0.19 -3.82
C LYS A 51 -16.68 0.31 -3.09
N VAL A 52 -15.85 1.08 -3.77
CA VAL A 52 -14.64 1.61 -3.14
C VAL A 52 -14.88 3.03 -2.60
N ARG A 53 -14.42 3.29 -1.37
CA ARG A 53 -14.60 4.60 -0.76
C ARG A 53 -13.29 5.27 -0.39
N VAL A 54 -13.12 6.52 -0.81
CA VAL A 54 -11.91 7.26 -0.54
C VAL A 54 -12.18 8.54 0.23
N GLY A 55 -11.11 9.21 0.66
CA GLY A 55 -11.23 10.46 1.39
C GLY A 55 -12.04 10.44 2.66
N ASP A 56 -12.06 9.31 3.37
CA ASP A 56 -12.83 9.19 4.61
C ASP A 56 -11.88 8.82 5.76
N ARG A 57 -12.00 9.49 6.91
CA ARG A 57 -11.15 9.19 8.07
C ARG A 57 -11.88 8.91 9.39
N ASN A 58 -13.21 9.07 9.40
CA ASN A 58 -14.02 8.83 10.60
C ASN A 58 -15.37 8.25 10.17
N THR A 59 -15.47 6.92 10.14
CA THR A 59 -16.72 6.28 9.72
C THR A 59 -17.85 6.41 10.72
N GLU A 60 -18.42 7.61 10.79
CA GLU A 60 -19.54 7.89 11.70
C GLU A 60 -19.85 9.39 11.79
N GLN A 61 -19.09 10.20 11.06
CA GLN A 61 -19.30 11.65 11.04
C GLN A 61 -19.32 12.04 9.58
N GLU A 62 -18.69 13.16 9.25
CA GLU A 62 -18.64 13.60 7.85
C GLU A 62 -17.68 14.76 7.59
N GLU A 63 -16.42 14.41 7.34
CA GLU A 63 -15.38 15.38 7.05
C GLU A 63 -15.73 16.04 5.72
N GLY A 64 -16.81 15.56 5.09
CA GLY A 64 -17.26 16.11 3.82
C GLY A 64 -16.44 15.75 2.60
N GLY A 65 -15.20 15.32 2.82
CA GLY A 65 -14.33 14.96 1.70
C GLY A 65 -14.28 13.49 1.32
N GLU A 66 -15.35 12.77 1.59
CA GLU A 66 -15.42 11.35 1.26
C GLU A 66 -15.80 11.22 -0.20
N ALA A 67 -16.01 9.99 -0.65
CA ALA A 67 -16.39 9.72 -2.03
C ALA A 67 -16.57 8.22 -2.22
N VAL A 68 -17.73 7.80 -2.70
CA VAL A 68 -17.97 6.39 -2.93
C VAL A 68 -18.01 6.13 -4.43
N HIS A 69 -17.04 5.38 -4.91
CA HIS A 69 -16.94 5.05 -6.33
C HIS A 69 -17.40 3.63 -6.61
N GLU A 70 -17.84 3.38 -7.83
CA GLU A 70 -18.28 2.05 -8.16
C GLU A 70 -17.23 1.37 -9.03
N VAL A 71 -17.20 0.05 -8.97
CA VAL A 71 -16.23 -0.72 -9.74
C VAL A 71 -16.77 -1.10 -11.12
N GLU A 72 -15.99 -0.79 -12.15
CA GLU A 72 -16.37 -1.08 -13.52
C GLU A 72 -15.95 -2.51 -13.82
N VAL A 73 -14.74 -2.85 -13.39
CA VAL A 73 -14.20 -4.19 -13.58
C VAL A 73 -13.22 -4.47 -12.46
N VAL A 74 -13.20 -5.72 -11.98
CA VAL A 74 -12.25 -6.08 -10.93
C VAL A 74 -11.21 -7.01 -11.54
N ILE A 75 -9.96 -6.57 -11.60
CA ILE A 75 -8.91 -7.39 -12.16
C ILE A 75 -8.25 -8.22 -11.06
N LYS A 76 -8.45 -9.53 -11.12
CA LYS A 76 -7.86 -10.44 -10.15
C LYS A 76 -6.67 -11.13 -10.79
N HIS A 77 -5.66 -11.45 -10.00
CA HIS A 77 -4.47 -12.14 -10.51
C HIS A 77 -4.87 -13.60 -10.74
N ASN A 78 -4.84 -14.01 -12.00
CA ASN A 78 -5.22 -15.37 -12.37
C ASN A 78 -4.71 -16.47 -11.45
N ARG A 79 -3.43 -16.41 -11.10
CA ARG A 79 -2.84 -17.42 -10.25
C ARG A 79 -3.14 -17.34 -8.75
N PHE A 80 -4.19 -16.63 -8.37
CA PHE A 80 -4.51 -16.55 -6.94
C PHE A 80 -4.80 -17.96 -6.42
N THR A 81 -4.58 -18.18 -5.13
CA THR A 81 -4.80 -19.49 -4.54
C THR A 81 -5.22 -19.35 -3.07
N LYS A 82 -6.52 -19.26 -2.84
CA LYS A 82 -7.04 -19.11 -1.49
C LYS A 82 -6.34 -19.99 -0.47
N GLU A 83 -6.35 -21.30 -0.75
CA GLU A 83 -5.74 -22.30 0.11
C GLU A 83 -4.36 -21.91 0.62
N THR A 84 -3.61 -21.17 -0.16
CA THR A 84 -2.28 -20.77 0.26
C THR A 84 -2.05 -19.27 0.36
N TYR A 85 -2.93 -18.48 -0.24
CA TYR A 85 -2.78 -17.02 -0.20
C TYR A 85 -1.63 -16.56 -1.05
N ASP A 86 -1.30 -17.32 -2.09
CA ASP A 86 -0.20 -16.94 -2.96
C ASP A 86 -0.74 -16.17 -4.17
N PHE A 87 0.05 -15.22 -4.66
CA PHE A 87 -0.34 -14.35 -5.78
C PHE A 87 -1.62 -13.62 -5.40
N ASP A 88 -1.68 -13.21 -4.14
CA ASP A 88 -2.81 -12.47 -3.56
C ASP A 88 -2.77 -10.98 -3.94
N ILE A 89 -3.37 -10.64 -5.07
CA ILE A 89 -3.41 -9.26 -5.52
C ILE A 89 -4.40 -8.99 -6.65
N ALA A 90 -5.03 -7.82 -6.61
CA ALA A 90 -6.02 -7.41 -7.59
C ALA A 90 -6.07 -5.88 -7.77
N VAL A 91 -6.56 -5.45 -8.92
CA VAL A 91 -6.69 -4.02 -9.22
C VAL A 91 -8.14 -3.75 -9.65
N LEU A 92 -8.71 -2.65 -9.16
CA LEU A 92 -10.09 -2.27 -9.47
C LEU A 92 -10.15 -1.07 -10.42
N ARG A 93 -11.02 -1.14 -11.41
CA ARG A 93 -11.18 -0.05 -12.35
C ARG A 93 -12.41 0.77 -11.98
N LEU A 94 -12.22 2.05 -11.69
CA LEU A 94 -13.33 2.90 -11.32
C LEU A 94 -14.11 3.42 -12.52
N LYS A 95 -15.44 3.37 -12.42
CA LYS A 95 -16.32 3.85 -13.47
C LYS A 95 -16.20 5.37 -13.56
N THR A 96 -16.19 6.01 -12.39
CA THR A 96 -16.09 7.46 -12.24
C THR A 96 -14.68 7.78 -11.71
N PRO A 97 -13.92 8.59 -12.44
CA PRO A 97 -12.56 8.94 -12.01
C PRO A 97 -12.51 9.58 -10.63
N ILE A 98 -11.45 9.27 -9.89
CA ILE A 98 -11.25 9.83 -8.55
C ILE A 98 -10.85 11.31 -8.64
N THR A 99 -11.44 12.14 -7.79
CA THR A 99 -11.14 13.57 -7.80
C THR A 99 -10.22 13.89 -6.62
N PHE A 100 -8.93 14.01 -6.91
CA PHE A 100 -7.94 14.27 -5.89
C PHE A 100 -8.11 15.59 -5.15
N ARG A 101 -8.37 15.51 -3.86
CA ARG A 101 -8.50 16.70 -3.04
C ARG A 101 -7.84 16.37 -1.72
N MET A 102 -7.93 17.26 -0.74
CA MET A 102 -7.33 16.99 0.56
C MET A 102 -7.82 15.63 1.04
N ASN A 103 -6.92 14.86 1.66
CA ASN A 103 -7.26 13.54 2.14
C ASN A 103 -7.64 12.62 0.98
N VAL A 104 -7.13 12.92 -0.21
CA VAL A 104 -7.41 12.12 -1.39
C VAL A 104 -6.34 12.35 -2.45
N ALA A 105 -5.31 11.51 -2.45
CA ALA A 105 -4.22 11.63 -3.43
C ALA A 105 -3.64 10.25 -3.71
N PRO A 106 -3.23 9.99 -4.97
CA PRO A 106 -2.67 8.68 -5.29
C PRO A 106 -1.30 8.46 -4.69
N ALA A 107 -0.89 7.20 -4.58
CA ALA A 107 0.43 6.88 -4.05
C ALA A 107 1.30 6.39 -5.21
N CYS A 108 2.55 6.84 -5.25
CA CYS A 108 3.45 6.46 -6.34
C CYS A 108 3.83 4.99 -6.35
N LEU A 109 4.13 4.51 -7.56
CA LEU A 109 4.57 3.13 -7.77
C LEU A 109 6.07 3.21 -7.99
N PRO A 110 6.84 2.43 -7.23
CA PRO A 110 8.29 2.42 -7.36
C PRO A 110 8.77 1.69 -8.59
N GLU A 111 10.07 1.65 -8.78
CA GLU A 111 10.68 0.95 -9.89
C GLU A 111 11.31 -0.28 -9.19
N ARG A 112 10.79 -1.47 -9.51
CA ARG A 112 11.23 -2.74 -8.94
C ARG A 112 12.68 -2.89 -8.45
N ASP A 113 13.67 -2.66 -9.30
CA ASP A 113 15.05 -2.78 -8.88
C ASP A 113 15.36 -1.74 -7.80
N TRP A 114 15.10 -0.47 -8.10
CA TRP A 114 15.32 0.63 -7.16
C TRP A 114 14.60 0.39 -5.83
N ALA A 115 13.40 -0.17 -5.92
CA ALA A 115 12.56 -0.44 -4.74
C ALA A 115 13.13 -1.45 -3.74
N GLU A 116 13.31 -2.69 -4.19
CA GLU A 116 13.83 -3.78 -3.38
C GLU A 116 15.21 -3.43 -2.81
N SER A 117 15.90 -2.52 -3.47
CA SER A 117 17.23 -2.12 -3.02
C SER A 117 17.17 -1.00 -1.98
N THR A 118 16.57 0.13 -2.33
CA THR A 118 16.46 1.28 -1.44
C THR A 118 15.20 1.28 -0.58
N LEU A 119 14.06 0.97 -1.17
CA LEU A 119 12.80 0.99 -0.43
C LEU A 119 12.64 -0.14 0.58
N MET A 120 12.80 -1.36 0.13
CA MET A 120 12.64 -2.52 1.00
C MET A 120 13.77 -2.77 2.00
N THR A 121 14.71 -1.85 2.07
CA THR A 121 15.84 -1.98 3.00
C THR A 121 15.81 -0.87 4.04
N GLN A 122 14.73 -0.08 4.01
CA GLN A 122 14.51 1.01 4.94
C GLN A 122 14.23 0.33 6.27
N LYS A 123 14.34 1.05 7.37
CA LYS A 123 14.05 0.42 8.66
C LYS A 123 12.56 0.05 8.79
N THR A 124 11.67 0.99 8.46
CA THR A 124 10.24 0.74 8.60
C THR A 124 9.35 0.85 7.35
N GLY A 125 8.06 0.61 7.55
CA GLY A 125 7.06 0.68 6.49
C GLY A 125 5.73 1.11 7.11
N ILE A 126 4.96 1.90 6.37
CA ILE A 126 3.68 2.38 6.89
C ILE A 126 2.50 1.48 6.49
N VAL A 127 1.80 0.93 7.49
CA VAL A 127 0.62 0.10 7.22
C VAL A 127 -0.57 0.82 7.85
N SER A 128 -1.74 0.76 7.21
CA SER A 128 -2.90 1.47 7.74
C SER A 128 -4.23 0.81 7.37
N GLY A 129 -5.29 1.28 8.02
CA GLY A 129 -6.62 0.74 7.76
C GLY A 129 -7.65 1.08 8.81
N PHE A 130 -8.87 0.59 8.59
CA PHE A 130 -10.00 0.78 9.50
C PHE A 130 -10.27 -0.58 10.14
N GLY A 131 -9.22 -1.39 10.32
CA GLY A 131 -9.39 -2.71 10.88
C GLY A 131 -9.22 -2.88 12.38
N ARG A 132 -9.75 -4.00 12.87
CA ARG A 132 -9.70 -4.35 14.29
C ARG A 132 -8.43 -3.84 14.99
N THR A 133 -8.64 -3.27 16.18
CA THR A 133 -7.55 -2.72 16.98
C THR A 133 -7.01 -3.78 17.93
N HIS A 134 -7.80 -4.83 18.10
CA HIS A 134 -7.47 -5.93 18.97
C HIS A 134 -7.82 -7.24 18.25
N GLU A 135 -7.10 -8.30 18.54
CA GLU A 135 -7.35 -9.58 17.88
C GLU A 135 -8.82 -10.01 17.94
N LYS A 136 -9.43 -9.91 19.12
CA LYS A 136 -10.82 -10.31 19.30
C LYS A 136 -11.80 -9.13 19.41
N GLY A 137 -11.31 -7.92 19.19
CA GLY A 137 -12.16 -6.75 19.30
C GLY A 137 -12.96 -6.43 18.06
N ARG A 138 -13.62 -5.27 18.08
CA ARG A 138 -14.44 -4.78 16.98
C ARG A 138 -13.54 -4.14 15.94
N GLN A 139 -14.16 -3.52 14.95
CA GLN A 139 -13.40 -2.88 13.88
C GLN A 139 -13.18 -1.39 14.19
N SER A 140 -12.12 -0.82 13.61
CA SER A 140 -11.82 0.58 13.87
C SER A 140 -12.84 1.53 13.27
N THR A 141 -12.93 2.72 13.85
CA THR A 141 -13.88 3.73 13.38
C THR A 141 -13.10 4.95 12.85
N ARG A 142 -11.80 4.99 13.17
CA ARG A 142 -10.92 6.05 12.70
C ARG A 142 -9.83 5.44 11.81
N LEU A 143 -9.37 6.19 10.81
CA LEU A 143 -8.34 5.66 9.93
C LEU A 143 -6.98 5.65 10.63
N LYS A 144 -6.50 4.44 10.91
CA LYS A 144 -5.24 4.23 11.61
C LYS A 144 -4.00 4.02 10.73
N MET A 145 -2.83 4.21 11.32
CA MET A 145 -1.58 4.01 10.61
C MET A 145 -0.51 3.63 11.62
N LEU A 146 0.03 2.42 11.46
CA LEU A 146 1.06 1.89 12.33
C LEU A 146 2.38 2.07 11.57
N GLU A 147 3.48 1.72 12.19
CA GLU A 147 4.78 1.83 11.52
C GLU A 147 5.48 0.48 11.69
N VAL A 148 5.25 -0.42 10.75
CA VAL A 148 5.82 -1.76 10.80
C VAL A 148 7.25 -1.87 10.27
N PRO A 149 8.20 -2.19 11.15
CA PRO A 149 9.60 -2.33 10.72
C PRO A 149 9.75 -3.55 9.83
N TYR A 150 10.68 -3.53 8.89
CA TYR A 150 10.87 -4.68 8.00
C TYR A 150 11.47 -5.87 8.75
N VAL A 151 10.92 -7.05 8.53
CA VAL A 151 11.40 -8.27 9.17
C VAL A 151 12.46 -8.93 8.28
N ASP A 152 13.31 -9.75 8.88
CA ASP A 152 14.35 -10.44 8.13
C ASP A 152 13.71 -11.58 7.37
N ARG A 153 13.90 -11.56 6.06
CA ARG A 153 13.34 -12.58 5.18
C ARG A 153 13.39 -14.00 5.76
N ASN A 154 14.44 -14.28 6.54
CA ASN A 154 14.62 -15.60 7.13
C ASN A 154 13.93 -15.80 8.47
N SER A 155 14.19 -14.91 9.42
CA SER A 155 13.54 -15.02 10.72
C SER A 155 12.09 -15.29 10.34
N CYS A 156 11.60 -14.43 9.45
CA CYS A 156 10.26 -14.49 8.91
C CYS A 156 9.80 -15.89 8.58
N LYS A 157 10.61 -16.59 7.78
CA LYS A 157 10.29 -17.97 7.37
C LYS A 157 10.26 -18.95 8.54
N LEU A 158 11.07 -18.69 9.55
CA LEU A 158 11.13 -19.56 10.73
C LEU A 158 9.98 -19.34 11.70
N SER A 159 9.62 -18.07 11.90
CA SER A 159 8.53 -17.72 12.81
C SER A 159 7.22 -18.24 12.27
N SER A 160 7.15 -18.38 10.95
CA SER A 160 5.94 -18.83 10.29
C SER A 160 5.36 -20.15 10.78
N SER A 161 4.30 -20.57 10.11
CA SER A 161 3.58 -21.81 10.37
C SER A 161 3.09 -22.24 8.99
N PHE A 162 3.36 -21.37 8.02
CA PHE A 162 2.98 -21.59 6.63
C PHE A 162 4.11 -21.08 5.73
N ILE A 163 4.05 -21.37 4.44
CA ILE A 163 5.13 -20.97 3.54
C ILE A 163 5.11 -19.57 2.93
N ILE A 164 6.08 -18.73 3.29
CA ILE A 164 6.15 -17.37 2.74
C ILE A 164 6.80 -17.42 1.36
N THR A 165 5.96 -17.60 0.34
CA THR A 165 6.42 -17.69 -1.03
C THR A 165 7.11 -16.44 -1.59
N GLN A 166 7.60 -16.59 -2.81
CA GLN A 166 8.29 -15.56 -3.58
C GLN A 166 7.51 -14.25 -3.58
N ASN A 167 6.17 -14.38 -3.53
CA ASN A 167 5.24 -13.25 -3.59
C ASN A 167 4.73 -12.72 -2.26
N MET A 168 5.60 -12.57 -1.27
CA MET A 168 5.15 -12.03 0.00
C MET A 168 6.30 -11.80 0.95
N PHE A 169 6.16 -10.79 1.80
CA PHE A 169 7.20 -10.48 2.77
C PHE A 169 6.65 -10.22 4.16
N CYS A 170 7.53 -10.27 5.15
CA CYS A 170 7.18 -10.05 6.56
C CYS A 170 7.50 -8.65 7.07
N ALA A 171 6.65 -8.17 7.96
CA ALA A 171 6.84 -6.85 8.53
C ALA A 171 6.00 -6.72 9.78
N GLY A 172 6.58 -6.11 10.80
CA GLY A 172 5.88 -5.92 12.04
C GLY A 172 6.81 -6.16 13.22
N TYR A 173 6.22 -6.48 14.37
CA TYR A 173 7.01 -6.70 15.56
C TYR A 173 6.90 -8.12 16.10
N ASP A 174 8.02 -8.61 16.62
CA ASP A 174 8.04 -9.94 17.19
C ASP A 174 7.01 -9.92 18.32
N THR A 175 7.39 -9.31 19.44
CA THR A 175 6.52 -9.23 20.59
C THR A 175 5.67 -7.98 20.71
N LYS A 176 6.17 -6.85 20.23
CA LYS A 176 5.42 -5.61 20.36
C LYS A 176 4.00 -5.74 19.86
N GLN A 177 3.05 -5.25 20.66
CA GLN A 177 1.66 -5.31 20.29
C GLN A 177 1.29 -4.34 19.17
N GLU A 178 1.84 -4.55 17.98
CA GLU A 178 1.51 -3.70 16.85
C GLU A 178 1.52 -4.55 15.58
N ASP A 179 0.36 -4.61 14.93
CA ASP A 179 0.18 -5.39 13.71
C ASP A 179 -1.06 -4.86 13.00
N ALA A 180 -1.41 -5.49 11.89
CA ALA A 180 -2.61 -5.09 11.17
C ALA A 180 -3.63 -6.04 11.75
N CYS A 181 -4.79 -6.14 11.11
CA CYS A 181 -5.78 -7.08 11.61
C CYS A 181 -7.01 -7.11 10.70
N GLN A 182 -7.97 -7.94 11.05
CA GLN A 182 -9.19 -8.07 10.28
C GLN A 182 -9.67 -6.71 9.73
N GLY A 183 -10.07 -6.70 8.46
CA GLY A 183 -10.56 -5.46 7.85
C GLY A 183 -9.49 -4.59 7.23
N ASP A 184 -8.23 -4.92 7.51
CA ASP A 184 -7.09 -4.17 7.00
C ASP A 184 -6.53 -4.80 5.72
N SER A 185 -7.04 -5.98 5.36
CA SER A 185 -6.57 -6.66 4.16
C SER A 185 -6.68 -5.71 2.96
N GLY A 186 -5.78 -5.87 1.98
CA GLY A 186 -5.82 -5.02 0.80
C GLY A 186 -5.25 -3.65 1.10
N GLY A 187 -5.36 -3.24 2.37
CA GLY A 187 -4.88 -1.94 2.81
C GLY A 187 -3.49 -1.58 2.34
N PRO A 188 -3.17 -0.27 2.25
CA PRO A 188 -1.86 0.21 1.81
C PRO A 188 -0.67 0.00 2.76
N HIS A 189 0.47 -0.37 2.19
CA HIS A 189 1.72 -0.55 2.90
C HIS A 189 2.66 0.28 2.04
N VAL A 190 2.86 1.52 2.43
CA VAL A 190 3.72 2.43 1.70
C VAL A 190 5.06 2.53 2.42
N THR A 191 6.09 2.95 1.69
CA THR A 191 7.41 3.14 2.26
C THR A 191 7.80 4.59 1.96
N ARG A 192 8.28 5.30 2.98
CA ARG A 192 8.66 6.70 2.82
C ARG A 192 10.11 6.91 2.37
N PHE A 193 10.32 7.88 1.49
CA PHE A 193 11.66 8.24 1.00
C PHE A 193 11.76 9.69 0.55
N LYS A 194 12.50 10.48 1.31
CA LYS A 194 12.68 11.91 1.05
C LYS A 194 11.35 12.65 1.01
N ASP A 195 10.45 12.26 1.91
CA ASP A 195 9.13 12.86 2.03
C ASP A 195 8.12 12.42 0.98
N THR A 196 8.35 11.27 0.35
CA THR A 196 7.43 10.73 -0.66
C THR A 196 7.25 9.24 -0.44
N TYR A 197 6.00 8.79 -0.43
CA TYR A 197 5.67 7.39 -0.19
C TYR A 197 5.40 6.54 -1.44
N PHE A 198 5.86 5.29 -1.42
CA PHE A 198 5.72 4.33 -2.51
C PHE A 198 5.02 3.06 -2.06
N VAL A 199 4.15 2.51 -2.91
CA VAL A 199 3.43 1.29 -2.60
C VAL A 199 4.46 0.17 -2.61
N THR A 200 4.52 -0.60 -1.54
CA THR A 200 5.46 -1.70 -1.51
C THR A 200 4.85 -2.98 -0.94
N GLY A 201 3.60 -2.90 -0.50
CA GLY A 201 2.97 -4.07 0.05
C GLY A 201 1.48 -3.96 0.25
N ILE A 202 0.80 -5.08 0.04
CA ILE A 202 -0.64 -5.15 0.19
C ILE A 202 -0.97 -6.04 1.38
N VAL A 203 -1.51 -5.47 2.44
CA VAL A 203 -1.88 -6.24 3.62
C VAL A 203 -2.48 -7.58 3.20
N SER A 204 -1.70 -8.65 3.34
CA SER A 204 -2.13 -9.99 2.95
C SER A 204 -2.69 -10.82 4.10
N TRP A 205 -1.81 -11.59 4.76
CA TRP A 205 -2.25 -12.43 5.86
C TRP A 205 -1.37 -12.39 7.10
N GLY A 206 -1.83 -13.10 8.13
CA GLY A 206 -1.10 -13.18 9.37
C GLY A 206 -1.75 -14.17 10.31
N GLU A 207 -0.98 -14.70 11.26
CA GLU A 207 -1.53 -15.65 12.22
C GLU A 207 -1.89 -14.87 13.48
N GLY A 208 -3.18 -14.60 13.64
CA GLY A 208 -3.65 -13.82 14.77
C GLY A 208 -3.40 -12.36 14.46
N CYS A 209 -3.41 -11.52 15.48
CA CYS A 209 -3.16 -10.10 15.25
C CYS A 209 -2.17 -9.57 16.29
N ALA A 210 -0.91 -9.51 15.88
CA ALA A 210 0.18 -9.02 16.72
C ALA A 210 0.67 -10.04 17.74
N ARG A 211 0.42 -11.32 17.44
CA ARG A 211 0.83 -12.42 18.33
C ARG A 211 2.33 -12.46 18.54
N LYS A 212 2.74 -12.79 19.75
CA LYS A 212 4.15 -12.88 20.08
C LYS A 212 4.74 -13.98 19.20
N GLY A 213 5.95 -13.73 18.69
CA GLY A 213 6.59 -14.71 17.84
C GLY A 213 5.98 -14.85 16.46
N LYS A 214 5.03 -13.97 16.15
CA LYS A 214 4.37 -13.99 14.86
C LYS A 214 4.50 -12.64 14.16
N TYR A 215 4.62 -12.67 12.84
CA TYR A 215 4.77 -11.44 12.06
C TYR A 215 3.59 -11.14 11.13
N GLY A 216 3.75 -10.09 10.33
CA GLY A 216 2.72 -9.68 9.39
C GLY A 216 3.17 -9.92 7.96
N ILE A 217 2.37 -10.64 7.20
CA ILE A 217 2.73 -10.95 5.82
C ILE A 217 1.97 -10.07 4.83
N TYR A 218 2.71 -9.35 4.00
CA TYR A 218 2.08 -8.48 2.99
C TYR A 218 2.43 -9.02 1.62
N THR A 219 1.74 -8.54 0.60
CA THR A 219 2.00 -8.95 -0.77
C THR A 219 3.16 -8.11 -1.29
N LYS A 220 4.20 -8.77 -1.80
CA LYS A 220 5.37 -8.10 -2.32
C LYS A 220 5.05 -7.35 -3.61
N VAL A 221 4.54 -6.14 -3.51
CA VAL A 221 4.19 -5.36 -4.69
C VAL A 221 5.33 -5.31 -5.71
N THR A 222 6.55 -5.09 -5.25
CA THR A 222 7.67 -5.00 -6.17
C THR A 222 7.70 -6.10 -7.23
N ALA A 223 7.25 -7.29 -6.88
CA ALA A 223 7.24 -8.41 -7.83
C ALA A 223 6.22 -8.28 -8.96
N PHE A 224 4.98 -7.93 -8.60
CA PHE A 224 3.87 -7.79 -9.55
C PHE A 224 3.78 -6.43 -10.24
N LEU A 225 4.89 -5.72 -10.31
CA LEU A 225 4.95 -4.39 -10.93
C LEU A 225 4.66 -4.39 -12.43
N LYS A 226 5.15 -5.39 -13.14
CA LYS A 226 4.89 -5.45 -14.58
C LYS A 226 3.41 -5.78 -14.75
N TRP A 227 2.90 -6.56 -13.80
CA TRP A 227 1.52 -6.98 -13.78
C TRP A 227 0.57 -5.81 -13.53
N ILE A 228 0.95 -4.98 -12.56
CA ILE A 228 0.15 -3.84 -12.20
C ILE A 228 0.07 -2.82 -13.33
N ASP A 229 1.06 -2.86 -14.22
CA ASP A 229 1.08 -1.96 -15.36
C ASP A 229 0.02 -2.34 -16.39
N ARG A 230 0.18 -3.51 -17.00
CA ARG A 230 -0.77 -3.99 -18.00
C ARG A 230 -2.12 -4.31 -17.39
N SER A 231 -2.27 -4.05 -16.11
CA SER A 231 -3.52 -4.30 -15.45
C SER A 231 -4.22 -2.94 -15.37
N MET A 232 -3.45 -1.87 -15.55
CA MET A 232 -4.02 -0.53 -15.50
C MET A 232 -4.43 -0.10 -16.91
N LYS A 233 -4.77 -1.11 -17.71
CA LYS A 233 -5.25 -0.96 -19.09
C LYS A 233 -6.14 -2.18 -19.21
N THR A 234 -6.41 -2.76 -18.04
CA THR A 234 -7.21 -3.97 -17.84
C THR A 234 -6.63 -5.17 -18.58
N ARG A 235 -6.42 -6.26 -17.83
CA ARG A 235 -5.88 -7.48 -18.40
C ARG A 235 -5.84 -8.59 -17.35
N LYS B 44 28.62 8.32 -10.10
CA LYS B 44 28.41 6.85 -10.18
C LYS B 44 28.21 6.24 -8.79
N LEU B 45 27.35 5.22 -8.71
CA LEU B 45 27.03 4.51 -7.47
C LEU B 45 25.76 5.03 -6.78
N CYS B 46 24.63 4.42 -7.11
CA CYS B 46 23.35 4.78 -6.51
C CYS B 46 23.34 4.11 -5.14
N SER B 47 24.51 4.02 -4.53
CA SER B 47 24.60 3.40 -3.23
C SER B 47 25.23 4.30 -2.18
N LEU B 48 25.85 5.39 -2.63
CA LEU B 48 26.46 6.33 -1.70
C LEU B 48 25.32 6.91 -0.86
N ASP B 49 24.39 7.58 -1.54
CA ASP B 49 23.21 8.16 -0.92
C ASP B 49 22.12 8.24 -1.98
N ASN B 50 21.82 7.09 -2.59
CA ASN B 50 20.82 6.99 -3.64
C ASN B 50 21.20 7.80 -4.85
N GLY B 51 22.50 7.94 -5.07
CA GLY B 51 23.01 8.68 -6.22
C GLY B 51 22.71 10.16 -6.20
N ASP B 52 22.25 10.66 -5.06
CA ASP B 52 21.90 12.07 -4.88
C ASP B 52 20.58 12.35 -5.59
N CYS B 53 19.89 11.28 -5.96
CA CYS B 53 18.61 11.35 -6.63
C CYS B 53 17.49 11.54 -5.62
N ASP B 54 16.42 12.20 -6.03
CA ASP B 54 15.26 12.40 -5.17
C ASP B 54 14.40 11.13 -5.13
N GLN B 55 14.55 10.30 -6.17
CA GLN B 55 13.79 9.07 -6.30
C GLN B 55 14.56 7.95 -6.99
N PHE B 56 13.97 7.39 -8.05
CA PHE B 56 14.59 6.30 -8.80
C PHE B 56 15.99 6.68 -9.23
N CYS B 57 16.92 5.73 -9.13
CA CYS B 57 18.31 5.95 -9.48
C CYS B 57 18.82 4.71 -10.21
N HIS B 58 19.62 4.92 -11.26
CA HIS B 58 20.18 3.85 -12.08
C HIS B 58 21.67 3.97 -12.34
N GLU B 59 22.44 2.99 -11.86
CA GLU B 59 23.89 3.00 -12.02
C GLU B 59 24.36 2.79 -13.45
N GLU B 60 23.41 2.77 -14.39
CA GLU B 60 23.73 2.57 -15.80
C GLU B 60 25.20 2.89 -16.17
N GLN B 61 25.84 1.95 -16.86
CA GLN B 61 27.24 2.02 -17.27
C GLN B 61 28.14 2.66 -16.22
N ASN B 62 28.53 3.92 -16.44
CA ASN B 62 29.39 4.62 -15.50
C ASN B 62 28.59 5.52 -14.54
N SER B 63 28.48 6.80 -14.86
CA SER B 63 27.75 7.76 -14.02
C SER B 63 26.34 7.30 -13.63
N VAL B 64 25.75 7.96 -12.63
CA VAL B 64 24.41 7.63 -12.16
C VAL B 64 23.36 8.41 -12.93
N VAL B 65 22.19 7.80 -13.10
CA VAL B 65 21.08 8.42 -13.81
C VAL B 65 19.84 8.43 -12.95
N CYS B 66 19.27 9.62 -12.73
CA CYS B 66 18.07 9.73 -11.92
C CYS B 66 16.81 9.71 -12.78
N SER B 67 15.67 9.56 -12.13
CA SER B 67 14.36 9.51 -12.80
C SER B 67 13.30 9.67 -11.72
N CYS B 68 12.05 9.87 -12.14
CA CYS B 68 10.95 10.08 -11.19
C CYS B 68 9.70 9.26 -11.41
N ALA B 69 8.86 9.19 -10.38
CA ALA B 69 7.61 8.46 -10.45
C ALA B 69 6.78 9.05 -11.61
N ARG B 70 5.62 8.47 -11.88
CA ARG B 70 4.79 8.98 -12.96
C ARG B 70 4.02 10.17 -12.42
N GLY B 71 4.31 11.35 -12.97
CA GLY B 71 3.62 12.54 -12.52
C GLY B 71 4.60 13.63 -12.22
N TYR B 72 5.88 13.28 -12.16
CA TYR B 72 6.91 14.26 -11.88
C TYR B 72 7.71 14.57 -13.14
N THR B 73 8.78 15.34 -12.97
CA THR B 73 9.68 15.70 -14.07
C THR B 73 11.04 15.93 -13.43
N LEU B 74 12.10 15.47 -14.08
CA LEU B 74 13.43 15.64 -13.54
C LEU B 74 13.83 17.11 -13.67
N ALA B 75 14.34 17.67 -12.59
CA ALA B 75 14.74 19.06 -12.57
C ALA B 75 15.95 19.32 -13.46
N ASP B 76 16.30 20.59 -13.59
CA ASP B 76 17.43 21.04 -14.41
C ASP B 76 18.75 20.37 -14.03
N ASN B 77 19.01 20.21 -12.74
CA ASN B 77 20.26 19.57 -12.30
C ASN B 77 20.28 18.09 -12.63
N GLY B 78 19.13 17.57 -13.04
CA GLY B 78 19.02 16.16 -13.39
C GLY B 78 18.88 15.20 -12.23
N LYS B 79 18.64 15.72 -11.03
CA LYS B 79 18.48 14.87 -9.84
C LYS B 79 17.10 14.95 -9.19
N ALA B 80 16.71 16.15 -8.78
CA ALA B 80 15.42 16.36 -8.12
C ALA B 80 14.19 16.12 -8.99
N CYS B 81 13.08 15.78 -8.36
CA CYS B 81 11.83 15.52 -9.07
C CYS B 81 10.80 16.58 -8.72
N ILE B 82 10.31 17.26 -9.74
CA ILE B 82 9.35 18.32 -9.53
C ILE B 82 7.97 17.88 -9.97
N PRO B 83 6.94 18.21 -9.18
CA PRO B 83 5.59 17.82 -9.55
C PRO B 83 5.18 18.57 -10.81
N THR B 84 4.22 18.04 -11.54
CA THR B 84 3.75 18.71 -12.74
C THR B 84 2.27 18.96 -12.61
N GLY B 85 1.65 18.25 -11.67
CA GLY B 85 0.23 18.39 -11.45
C GLY B 85 -0.07 18.77 -10.02
N PRO B 86 -1.33 19.14 -9.72
CA PRO B 86 -1.84 19.55 -8.41
C PRO B 86 -1.72 18.54 -7.25
N TYR B 87 -1.98 17.26 -7.52
CA TYR B 87 -1.90 16.25 -6.48
C TYR B 87 -0.94 15.09 -6.78
N PRO B 88 0.36 15.35 -6.63
CA PRO B 88 1.40 14.34 -6.88
C PRO B 88 1.23 13.15 -5.99
N CYS B 89 1.60 11.98 -6.52
CA CYS B 89 1.52 10.75 -5.76
C CYS B 89 2.65 10.77 -4.74
N GLY B 90 2.49 10.01 -3.67
CA GLY B 90 3.50 9.94 -2.64
C GLY B 90 3.54 11.10 -1.66
N LYS B 91 2.93 12.22 -2.03
CA LYS B 91 2.91 13.41 -1.17
C LYS B 91 1.63 13.50 -0.37
N GLN B 92 1.77 13.74 0.93
CA GLN B 92 0.62 13.86 1.81
C GLN B 92 -0.06 15.20 1.55
N THR B 93 -1.36 15.17 1.30
CA THR B 93 -2.12 16.38 1.01
C THR B 93 -2.07 17.46 2.10
N LEU B 94 -2.03 18.72 1.67
CA LEU B 94 -2.00 19.87 2.57
C LEU B 94 -3.08 20.88 2.16
CA CA C . -16.58 10.01 7.25
S1 XMI D . -7.23 -11.59 10.39
O2 XMI D . -7.29 -11.21 11.90
C3 XMI D . -5.92 -15.54 11.23
O4 XMI D . -5.24 -16.06 12.12
C5 XMI D . -6.16 -13.98 11.30
N6 XMI D . -7.00 -13.32 10.27
C7 XMI D . -7.13 -15.51 8.96
C8 XMI D . -6.94 -13.96 8.91
N9 XMI D . -6.29 -16.21 10.01
O10 XMI D . -8.57 -11.22 9.75
C11 XMI D . -5.85 -17.64 9.78
C12 XMI D . -1.70 -21.27 3.46
N13 XMI D . -3.20 -19.14 6.37
C14 XMI D . -2.29 -19.63 5.29
C15 XMI D . -2.61 -20.84 4.48
C16 XMI D . -3.35 -17.63 6.64
C17 XMI D . -1.02 -18.95 4.96
C18 XMI D . -4.13 -20.10 7.13
C19 XMI D . -5.20 -18.06 8.43
C20 XMI D . -3.96 -17.19 8.01
N21 XMI D . -0.51 -20.60 3.18
C22 XMI D . -0.18 -19.47 3.91
C23 XMI D . -4.81 -19.59 8.45
C24 XMI D . -4.64 -10.60 10.30
C25 XMI D . -5.90 -10.79 9.61
C26 XMI D . -3.64 -9.47 8.21
C27 XMI D . -4.94 -9.68 7.53
C28 XMI D . -6.02 -10.32 8.20
C29 XMI D . -3.50 -9.95 9.67
CL30 XMI D . 0.10 -7.89 7.44
C31 XMI D . -2.20 -9.75 10.34
C32 XMI D . -2.50 -8.83 7.56
C33 XMI D . -1.12 -9.12 9.65
C34 XMI D . -1.24 -8.65 8.26
#